data_2HOO
#
_entry.id   2HOO
#
_cell.length_a   61.400
_cell.length_b   61.400
_cell.length_c   102.900
_cell.angle_alpha   90.00
_cell.angle_beta   90.00
_cell.angle_gamma   120.00
#
_symmetry.space_group_name_H-M   'P 32 1 2'
#
loop_
_entity.id
_entity.type
_entity.pdbx_description
1 polymer 'thi-box riboswitch'
2 non-polymer 'CALCIUM ION'
3 non-polymer 'S-BENZOYLTHIAMINE O-MONOPHOSPHATE'
4 water water
#
_entity_poly.entity_id   1
_entity_poly.type   'polyribonucleotide'
_entity_poly.pdbx_seq_one_letter_code
;GCGACUCGGGGUGCCCUUCUGCGUGAAGGCUGAGAAAUACCCGUAUCACCUGAUCUGGAUAAUGCCAGCGUAGGGAAGUC
GCA
;
_entity_poly.pdbx_strand_id   A
#
loop_
_chem_comp.id
_chem_comp.type
_chem_comp.name
_chem_comp.formula
A RNA linking ADENOSINE-5'-MONOPHOSPHATE 'C10 H14 N5 O7 P'
BFT non-polymer 'S-BENZOYLTHIAMINE O-MONOPHOSPHATE' 'C19 H25 N4 O6 P S'
C RNA linking CYTIDINE-5'-MONOPHOSPHATE 'C9 H14 N3 O8 P'
CA non-polymer 'CALCIUM ION' 'Ca 2'
G RNA linking GUANOSINE-5'-MONOPHOSPHATE 'C10 H14 N5 O8 P'
U RNA linking URIDINE-5'-MONOPHOSPHATE 'C9 H13 N2 O9 P'
#
# COMPACT_ATOMS: atom_id res chain seq x y z
CA CA B . 5.36 6.33 0.35
CA CA C . 8.43 0.95 1.13
CA CA D . 4.95 14.86 8.34
CA CA E . -3.68 -14.66 2.44
CA CA F . -10.22 -4.51 -6.60
CA CA G . -12.29 -13.84 -6.30
CA CA H . 1.36 5.29 16.78
CM2 BFT I . -6.49 -3.03 -0.20
N3 BFT I . -0.18 -1.40 -0.05
C2 BFT I . -0.19 -1.14 -1.39
S1 BFT I . 1.64 0.79 -1.27
C5 BFT I . 1.79 0.32 0.20
C4 BFT I . 0.88 -0.71 0.70
CM4 BFT I . 1.01 -1.19 2.12
C6 BFT I . 2.87 0.94 1.02
C7 BFT I . 2.56 2.09 1.87
O7 BFT I . 3.74 2.54 2.57
N1A BFT I . -4.48 -1.74 -0.15
C2A BFT I . -5.05 -2.98 0.00
N3A BFT I . -4.39 -4.06 0.30
C4A BFT I . -3.02 -4.01 0.50
N4A BFT I . -2.38 -5.13 0.81
C5A BFT I . -2.34 -2.73 0.38
C6A BFT I . -3.13 -1.64 0.04
C7A BFT I . -0.86 -2.59 0.63
P1 BFT I . 4.94 3.34 1.96
O1 BFT I . 5.51 2.58 0.83
O2 BFT I . 5.85 3.50 3.12
O3 BFT I . 4.37 4.62 1.48
O5 BFT I . -0.44 -2.12 -2.05
CB1 BFT I . 1.13 2.01 -1.69
OB1 BFT I . 1.03 2.94 -0.89
CB2 BFT I . 0.69 2.20 -3.14
CB3 BFT I . 0.16 3.47 -3.57
CB4 BFT I . -0.24 3.64 -4.92
CB5 BFT I . -0.13 2.58 -5.84
CB6 BFT I . 0.39 1.33 -5.44
CB7 BFT I . 0.80 1.14 -4.11
#